data_6KWQ
#
_entry.id   6KWQ
#
_cell.length_a   124.301
_cell.length_b   75.544
_cell.length_c   74.031
_cell.angle_alpha   90.000
_cell.angle_beta   91.460
_cell.angle_gamma   90.000
#
_symmetry.space_group_name_H-M   'C 1 2 1'
#
loop_
_entity.id
_entity.type
_entity.pdbx_description
1 polymer 'RNA-dependent RNA polymerase'
2 polymer 'RNA (31-MER)'
3 polymer "RNA (5'-R(*UP*GP*UP*UP*CP*CP*GP*AP*GP*AP*GP*A)-3')"
4 non-polymer 'MAGNESIUM ION'
5 non-polymer 'ZINC ION'
6 non-polymer DI(HYDROXYETHYL)ETHER
7 non-polymer GLYCEROL
8 water water
#
loop_
_entity_poly.entity_id
_entity_poly.type
_entity_poly.pdbx_seq_one_letter_code
_entity_poly.pdbx_strand_id
1 'polypeptide(L)'
;GEIQWVKPNKETGRLNINGPTRTKLEPSVFHDIFEGNKEPAVLHSKDPRLEVDFEQALFSKYVGNTLHEPDEYIKEAALH
YANQLKQLEINTSQMSMEEACYGTENLEAIDLHTSAGYPYSALGIKKRDILDPTTRDVSKMKFYMDKYGLDLPYSTYVKD
ELRSIDKIKKGKSRLIEASSLNDSVYLRMAFGHLYEAFHANPGTITGSAVGCNPDTFWSKLPILLPGSLFAFDYSGYDAS
LSPVWFRALELVLREIGYSEEAVSLIEGINHTHHVYRNKTYCVLGGMPSGCSGTSIFNSMINNIIIRALLIKTFKGIDLD
ELNMVAYGDDVLASYPFPIDCLELAKTGKEYGLTMTPADKSPCFNEVNWGNATFLKRGFLPDEQFPFLIHPTMPMREIHE
SIRWTKDARNTQDHVRSLCLLAWHNGKQEYEKFVSTIRSVPVGRALAIPNYENLRRNWLELFHHHHHH
;
A
2 'polyribonucleotide' GGGAGAUGAAAGUCUCCAGGUCUCUCGGAAA B
3 'polyribonucleotide' UGUUCCGAGAGA C
#
loop_
_chem_comp.id
_chem_comp.type
_chem_comp.name
_chem_comp.formula
A RNA linking ADENOSINE-5'-MONOPHOSPHATE 'C10 H14 N5 O7 P'
C RNA linking CYTIDINE-5'-MONOPHOSPHATE 'C9 H14 N3 O8 P'
G RNA linking GUANOSINE-5'-MONOPHOSPHATE 'C10 H14 N5 O8 P'
GOL non-polymer GLYCEROL 'C3 H8 O3'
MG non-polymer 'MAGNESIUM ION' 'Mg 2'
PEG non-polymer DI(HYDROXYETHYL)ETHER 'C4 H10 O3'
U RNA linking URIDINE-5'-MONOPHOSPHATE 'C9 H13 N2 O9 P'
ZN non-polymer 'ZINC ION' 'Zn 2'
#
# COMPACT_ATOMS: atom_id res chain seq x y z
N GLY A 1 7.10 9.40 12.16
CA GLY A 1 7.34 8.32 13.11
C GLY A 1 8.75 8.35 13.66
N GLU A 2 8.91 7.93 14.91
CA GLU A 2 10.22 8.04 15.56
C GLU A 2 10.35 6.90 16.54
N ILE A 3 11.51 6.24 16.53
CA ILE A 3 11.79 5.19 17.51
C ILE A 3 12.04 5.84 18.86
N GLN A 4 11.29 5.42 19.88
CA GLN A 4 11.42 6.04 21.19
C GLN A 4 12.52 5.39 22.01
N TRP A 5 12.69 4.08 21.86
CA TRP A 5 13.74 3.36 22.57
C TRP A 5 13.89 1.99 21.97
N VAL A 6 15.01 1.34 22.28
CA VAL A 6 15.33 -0.01 21.86
C VAL A 6 15.85 -0.74 23.09
N LYS A 7 15.29 -1.91 23.37
CA LYS A 7 15.72 -2.74 24.49
C LYS A 7 16.04 -4.15 24.01
N PRO A 8 16.98 -4.84 24.64
CA PRO A 8 17.19 -6.25 24.30
C PRO A 8 16.00 -7.08 24.76
N ASN A 9 15.70 -8.13 24.00
CA ASN A 9 14.65 -9.04 24.42
C ASN A 9 14.97 -9.68 25.77
N LYS A 10 16.26 -9.79 26.12
CA LYS A 10 16.60 -10.32 27.43
C LYS A 10 16.08 -9.43 28.55
N GLU A 11 15.76 -8.17 28.23
CA GLU A 11 15.15 -7.26 29.17
C GLU A 11 13.62 -7.29 29.10
N THR A 12 13.06 -7.22 27.89
CA THR A 12 11.61 -7.14 27.78
C THR A 12 10.93 -8.49 27.94
N GLY A 13 11.66 -9.59 27.74
CA GLY A 13 11.06 -10.91 27.77
C GLY A 13 10.39 -11.34 26.49
N ARG A 14 10.39 -10.49 25.46
CA ARG A 14 9.79 -10.88 24.19
C ARG A 14 10.62 -11.97 23.49
N LEU A 15 9.92 -12.77 22.69
CA LEU A 15 10.56 -13.80 21.89
C LEU A 15 11.30 -13.19 20.70
N ASN A 16 12.45 -13.78 20.36
CA ASN A 16 13.20 -13.35 19.20
C ASN A 16 12.42 -13.62 17.91
N ILE A 17 12.56 -12.72 16.94
CA ILE A 17 11.87 -12.84 15.67
C ILE A 17 12.90 -12.86 14.56
N ASN A 18 12.97 -13.97 13.83
CA ASN A 18 13.88 -14.10 12.70
C ASN A 18 13.13 -14.61 11.49
N GLY A 19 13.48 -14.06 10.32
CA GLY A 19 12.89 -14.47 9.06
C GLY A 19 13.97 -14.87 8.08
N PRO A 20 13.55 -15.25 6.86
CA PRO A 20 14.54 -15.71 5.88
C PRO A 20 15.61 -14.66 5.61
N THR A 21 16.85 -15.12 5.51
CA THR A 21 17.99 -14.28 5.14
C THR A 21 18.53 -14.58 3.75
N ARG A 22 17.91 -15.51 3.03
CA ARG A 22 18.23 -15.82 1.65
C ARG A 22 16.97 -15.66 0.81
N THR A 23 17.13 -15.14 -0.41
CA THR A 23 16.00 -14.90 -1.28
C THR A 23 15.48 -16.21 -1.86
N LYS A 24 14.18 -16.22 -2.17
CA LYS A 24 13.53 -17.28 -2.91
C LYS A 24 13.48 -16.99 -4.40
N LEU A 25 13.95 -15.83 -4.82
CA LEU A 25 13.95 -15.43 -6.23
C LEU A 25 15.23 -15.88 -6.91
N GLU A 26 15.10 -16.51 -8.06
CA GLU A 26 16.23 -16.96 -8.85
C GLU A 26 16.07 -16.49 -10.29
N PRO A 27 17.16 -16.37 -11.03
CA PRO A 27 17.05 -16.02 -12.46
C PRO A 27 16.19 -17.02 -13.21
N SER A 28 15.26 -16.51 -14.00
CA SER A 28 14.40 -17.31 -14.86
C SER A 28 15.08 -17.61 -16.19
N VAL A 29 14.44 -18.46 -16.99
CA VAL A 29 14.93 -18.77 -18.32
C VAL A 29 14.95 -17.54 -19.23
N PHE A 30 14.24 -16.47 -18.85
CA PHE A 30 14.23 -15.22 -19.62
C PHE A 30 15.24 -14.20 -19.11
N HIS A 31 16.07 -14.58 -18.13
CA HIS A 31 16.93 -13.61 -17.45
C HIS A 31 17.86 -12.90 -18.42
N ASP A 32 18.39 -13.61 -19.41
CA ASP A 32 19.41 -13.08 -20.30
C ASP A 32 18.88 -12.51 -21.60
N ILE A 33 17.62 -12.75 -21.95
CA ILE A 33 17.08 -12.23 -23.21
C ILE A 33 16.24 -10.97 -23.03
N PHE A 34 15.93 -10.59 -21.80
CA PHE A 34 15.38 -9.28 -21.49
C PHE A 34 16.39 -8.51 -20.67
N GLU A 35 16.38 -7.20 -20.85
CA GLU A 35 17.22 -6.32 -20.06
C GLU A 35 16.54 -5.99 -18.73
N GLY A 36 17.38 -5.85 -17.70
CA GLY A 36 16.89 -5.41 -16.40
C GLY A 36 18.00 -4.97 -15.45
N ASN A 37 17.63 -4.16 -14.45
CA ASN A 37 18.56 -3.68 -13.45
C ASN A 37 18.28 -4.23 -12.04
N LYS A 38 17.09 -4.74 -11.78
CA LYS A 38 16.71 -5.09 -10.42
C LYS A 38 17.25 -6.47 -10.02
N GLU A 39 17.51 -6.63 -8.72
CA GLU A 39 17.92 -7.89 -8.11
C GLU A 39 17.16 -8.07 -6.80
N PRO A 40 17.14 -9.26 -6.22
CA PRO A 40 16.52 -9.44 -4.90
C PRO A 40 17.13 -8.51 -3.85
N ALA A 41 16.25 -7.91 -3.05
CA ALA A 41 16.62 -7.00 -1.96
C ALA A 41 17.64 -7.64 -1.03
N VAL A 42 18.45 -6.83 -0.36
CA VAL A 42 19.34 -7.35 0.68
C VAL A 42 18.51 -7.90 1.82
N LEU A 43 18.84 -9.11 2.29
CA LEU A 43 18.12 -9.75 3.38
C LEU A 43 19.01 -10.05 4.57
N HIS A 44 20.31 -9.77 4.47
CA HIS A 44 21.29 -10.16 5.46
C HIS A 44 22.33 -9.04 5.57
N SER A 45 22.70 -8.69 6.80
CA SER A 45 23.63 -7.58 7.05
C SER A 45 25.00 -7.77 6.41
N LYS A 46 25.37 -8.99 6.01
CA LYS A 46 26.67 -9.24 5.38
C LYS A 46 26.59 -9.46 3.89
N ASP A 47 25.46 -9.17 3.27
CA ASP A 47 25.33 -9.28 1.83
C ASP A 47 26.49 -8.54 1.16
N PRO A 48 27.27 -9.22 0.30
CA PRO A 48 28.47 -8.58 -0.27
C PRO A 48 28.17 -7.46 -1.23
N ARG A 49 26.91 -7.26 -1.61
CA ARG A 49 26.52 -6.18 -2.49
C ARG A 49 26.33 -4.86 -1.75
N LEU A 50 26.21 -4.90 -0.43
CA LEU A 50 26.01 -3.71 0.36
C LEU A 50 27.21 -2.78 0.26
N GLU A 51 26.94 -1.48 0.21
CA GLU A 51 27.98 -0.48 0.33
C GLU A 51 27.80 0.37 1.59
N VAL A 52 26.75 0.10 2.39
CA VAL A 52 26.46 0.82 3.62
C VAL A 52 26.07 -0.18 4.71
N ASP A 53 25.96 0.32 5.93
CA ASP A 53 25.49 -0.49 7.04
C ASP A 53 24.01 -0.80 6.87
N PHE A 54 23.67 -2.09 6.90
CA PHE A 54 22.32 -2.53 6.57
C PHE A 54 21.28 -1.98 7.54
N GLU A 55 21.45 -2.25 8.84
CA GLU A 55 20.38 -1.90 9.77
C GLU A 55 20.24 -0.39 9.94
N GLN A 56 21.34 0.36 9.78
CA GLN A 56 21.22 1.82 9.75
C GLN A 56 20.32 2.26 8.60
N ALA A 57 20.44 1.61 7.45
CA ALA A 57 19.60 1.95 6.30
C ALA A 57 18.15 1.55 6.52
N LEU A 58 17.92 0.37 7.10
CA LEU A 58 16.55 -0.11 7.30
C LEU A 58 15.72 0.86 8.14
N PHE A 59 16.31 1.39 9.21
CA PHE A 59 15.54 2.16 10.19
C PHE A 59 15.66 3.67 10.00
N SER A 60 16.39 4.12 8.99
CA SER A 60 16.50 5.55 8.71
C SER A 60 15.17 6.16 8.31
N LYS A 61 14.19 5.35 7.89
CA LYS A 61 12.91 5.90 7.47
C LYS A 61 12.15 6.56 8.61
N TYR A 62 12.50 6.24 9.86
CA TYR A 62 11.84 6.85 11.02
C TYR A 62 12.48 8.21 11.24
N VAL A 63 12.05 9.17 10.41
CA VAL A 63 12.72 10.46 10.31
C VAL A 63 12.42 11.40 11.47
N GLY A 64 11.42 11.08 12.29
CA GLY A 64 11.04 11.90 13.41
C GLY A 64 9.59 12.35 13.32
N ASN A 65 9.18 13.08 14.35
CA ASN A 65 7.82 13.62 14.43
C ASN A 65 7.90 15.13 14.52
N THR A 66 6.90 15.81 13.94
CA THR A 66 6.77 17.24 14.11
C THR A 66 5.55 17.47 14.98
N LEU A 67 4.38 17.73 14.42
CA LEU A 67 3.20 17.98 15.22
C LEU A 67 2.66 16.71 15.86
N HIS A 68 2.08 16.86 17.06
CA HIS A 68 1.36 15.79 17.72
C HIS A 68 -0.13 16.08 17.84
N GLU A 69 -0.53 17.34 17.71
CA GLU A 69 -1.89 17.82 17.93
C GLU A 69 -2.38 18.57 16.71
N PRO A 70 -3.58 18.26 16.21
CA PRO A 70 -4.07 18.95 15.01
C PRO A 70 -4.11 20.46 15.22
N ASP A 71 -3.66 21.21 14.21
CA ASP A 71 -3.86 22.66 14.18
C ASP A 71 -5.22 22.96 13.52
N GLU A 72 -5.51 24.24 13.28
CA GLU A 72 -6.81 24.59 12.72
C GLU A 72 -6.97 24.03 11.31
N TYR A 73 -5.90 23.97 10.53
CA TYR A 73 -6.01 23.51 9.15
C TYR A 73 -6.28 22.02 9.09
N ILE A 74 -5.59 21.23 9.92
CA ILE A 74 -5.80 19.79 9.94
C ILE A 74 -7.19 19.46 10.47
N LYS A 75 -7.66 20.20 11.48
CA LYS A 75 -9.03 20.03 11.95
C LYS A 75 -10.04 20.30 10.84
N GLU A 76 -9.86 21.42 10.14
CA GLU A 76 -10.81 21.78 9.09
C GLU A 76 -10.78 20.76 7.96
N ALA A 77 -9.57 20.27 7.64
CA ALA A 77 -9.42 19.25 6.61
C ALA A 77 -10.08 17.94 7.03
N ALA A 78 -9.85 17.52 8.29
CA ALA A 78 -10.44 16.27 8.74
C ALA A 78 -11.97 16.34 8.70
N LEU A 79 -12.54 17.45 9.15
CA LEU A 79 -14.00 17.56 9.16
C LEU A 79 -14.57 17.60 7.75
N HIS A 80 -13.84 18.22 6.81
CA HIS A 80 -14.31 18.27 5.42
C HIS A 80 -14.35 16.87 4.82
N TYR A 81 -13.29 16.10 5.03
CA TYR A 81 -13.28 14.71 4.55
C TYR A 81 -14.35 13.90 5.26
N ALA A 82 -14.47 14.06 6.59
CA ALA A 82 -15.50 13.32 7.32
C ALA A 82 -16.89 13.61 6.76
N ASN A 83 -17.19 14.89 6.52
CA ASN A 83 -18.49 15.23 5.97
C ASN A 83 -18.71 14.54 4.64
N GLN A 84 -17.68 14.49 3.80
CA GLN A 84 -17.80 13.83 2.51
C GLN A 84 -18.09 12.34 2.68
N LEU A 85 -17.54 11.71 3.71
CA LEU A 85 -17.74 10.28 3.87
C LEU A 85 -19.15 9.93 4.36
N LYS A 86 -19.87 10.89 4.93
CA LYS A 86 -21.16 10.56 5.55
C LYS A 86 -22.15 9.98 4.54
N GLN A 87 -22.05 10.35 3.26
CA GLN A 87 -22.97 9.81 2.27
C GLN A 87 -22.81 8.32 2.02
N LEU A 88 -21.67 7.72 2.41
CA LEU A 88 -21.52 6.29 2.30
C LEU A 88 -22.35 5.53 3.34
N GLU A 89 -22.80 6.20 4.40
CA GLU A 89 -23.57 5.58 5.48
C GLU A 89 -22.85 4.34 6.01
N ILE A 90 -21.58 4.53 6.36
CA ILE A 90 -20.80 3.42 6.91
C ILE A 90 -21.46 2.89 8.17
N ASN A 91 -21.59 1.57 8.26
CA ASN A 91 -22.08 0.93 9.47
C ASN A 91 -20.96 0.91 10.50
N THR A 92 -21.10 1.73 11.55
CA THR A 92 -20.10 1.88 12.59
C THR A 92 -20.20 0.83 13.69
N SER A 93 -21.15 -0.09 13.62
CA SER A 93 -21.24 -1.10 14.66
C SER A 93 -20.21 -2.21 14.43
N GLN A 94 -19.99 -3.00 15.46
CA GLN A 94 -18.95 -4.01 15.43
C GLN A 94 -19.33 -5.13 14.47
N MET A 95 -18.38 -5.53 13.63
CA MET A 95 -18.56 -6.69 12.78
C MET A 95 -18.38 -7.94 13.64
N SER A 96 -19.18 -8.97 13.34
CA SER A 96 -19.08 -10.22 14.09
C SER A 96 -17.70 -10.83 13.93
N MET A 97 -17.29 -11.61 14.93
CA MET A 97 -15.99 -12.27 14.83
C MET A 97 -15.96 -13.23 13.64
N GLU A 98 -17.08 -13.92 13.39
CA GLU A 98 -17.14 -14.85 12.27
C GLU A 98 -16.93 -14.13 10.94
N GLU A 99 -17.57 -12.97 10.76
CA GLU A 99 -17.35 -12.22 9.52
C GLU A 99 -15.94 -11.65 9.47
N ALA A 100 -15.44 -11.14 10.60
CA ALA A 100 -14.12 -10.56 10.61
C ALA A 100 -13.07 -11.61 10.25
N CYS A 101 -13.27 -12.86 10.71
CA CYS A 101 -12.29 -13.92 10.45
C CYS A 101 -12.46 -14.53 9.07
N TYR A 102 -13.69 -14.80 8.64
CA TYR A 102 -13.94 -15.62 7.47
C TYR A 102 -14.44 -14.86 6.25
N GLY A 103 -14.71 -13.57 6.38
CA GLY A 103 -14.90 -12.72 5.21
C GLY A 103 -16.36 -12.49 4.85
N THR A 104 -16.56 -11.52 3.96
CA THR A 104 -17.87 -11.11 3.47
C THR A 104 -17.73 -10.81 1.97
N GLU A 105 -18.83 -10.36 1.37
CA GLU A 105 -18.82 -10.05 -0.06
C GLU A 105 -17.77 -9.00 -0.41
N ASN A 106 -17.56 -8.02 0.46
CA ASN A 106 -16.63 -6.94 0.17
C ASN A 106 -15.45 -6.89 1.13
N LEU A 107 -15.17 -7.98 1.84
CA LEU A 107 -13.99 -8.06 2.69
C LEU A 107 -13.48 -9.49 2.68
N GLU A 108 -12.28 -9.69 2.15
CA GLU A 108 -11.74 -11.05 2.08
C GLU A 108 -11.48 -11.60 3.47
N ALA A 109 -11.56 -12.91 3.58
CA ALA A 109 -11.22 -13.60 4.82
C ALA A 109 -9.79 -13.27 5.22
N ILE A 110 -9.50 -13.42 6.52
CA ILE A 110 -8.12 -13.37 6.97
C ILE A 110 -7.31 -14.39 6.19
N ASP A 111 -6.13 -13.97 5.73
CA ASP A 111 -5.26 -14.79 4.89
C ASP A 111 -4.67 -15.92 5.72
N LEU A 112 -5.12 -17.14 5.46
CA LEU A 112 -4.63 -18.30 6.19
C LEU A 112 -3.28 -18.78 5.70
N HIS A 113 -2.74 -18.20 4.63
CA HIS A 113 -1.46 -18.58 4.07
C HIS A 113 -0.28 -17.80 4.65
N THR A 114 -0.53 -16.79 5.48
CA THR A 114 0.53 -15.97 6.08
C THR A 114 0.57 -16.16 7.58
N SER A 115 1.66 -15.68 8.18
CA SER A 115 1.94 -15.86 9.59
C SER A 115 0.79 -15.39 10.48
N ALA A 116 0.63 -16.06 11.62
CA ALA A 116 -0.25 -15.56 12.66
C ALA A 116 0.43 -14.50 13.52
N GLY A 117 1.73 -14.25 13.31
CA GLY A 117 2.41 -13.19 14.00
C GLY A 117 2.72 -13.55 15.44
N TYR A 118 3.00 -12.51 16.22
CA TYR A 118 3.39 -12.66 17.62
C TYR A 118 2.20 -13.04 18.51
N PRO A 119 2.37 -14.04 19.39
CA PRO A 119 3.56 -14.88 19.63
C PRO A 119 3.52 -16.18 18.87
N TYR A 120 2.44 -16.38 18.11
CA TYR A 120 2.12 -17.67 17.50
C TYR A 120 3.27 -18.20 16.65
N SER A 121 3.89 -17.35 15.84
CA SER A 121 4.91 -17.84 14.91
C SER A 121 6.13 -18.32 15.66
N ALA A 122 6.60 -17.54 16.64
CA ALA A 122 7.72 -17.96 17.47
C ALA A 122 7.37 -19.18 18.33
N LEU A 123 6.10 -19.54 18.41
CA LEU A 123 5.64 -20.72 19.13
C LEU A 123 5.16 -21.84 18.21
N GLY A 124 5.26 -21.65 16.89
CA GLY A 124 4.86 -22.71 15.98
C GLY A 124 3.38 -22.92 15.82
N ILE A 125 2.57 -21.91 16.14
CA ILE A 125 1.13 -21.93 15.93
C ILE A 125 0.84 -21.16 14.65
N LYS A 126 0.13 -21.80 13.72
CA LYS A 126 -0.24 -21.20 12.44
C LYS A 126 -1.67 -20.71 12.49
N LYS A 127 -2.03 -19.84 11.53
CA LYS A 127 -3.41 -19.38 11.46
C LYS A 127 -4.38 -20.56 11.31
N ARG A 128 -4.00 -21.57 10.52
CA ARG A 128 -4.88 -22.70 10.30
C ARG A 128 -5.04 -23.58 11.54
N ASP A 129 -4.17 -23.42 12.54
CA ASP A 129 -4.38 -24.12 13.81
C ASP A 129 -5.47 -23.47 14.63
N ILE A 130 -5.86 -22.24 14.27
CA ILE A 130 -6.84 -21.47 15.01
C ILE A 130 -8.13 -21.30 14.22
N LEU A 131 -8.03 -21.04 12.92
CA LEU A 131 -9.18 -20.74 12.09
C LEU A 131 -9.42 -21.88 11.11
N ASP A 132 -10.69 -22.21 10.90
CA ASP A 132 -11.10 -23.27 9.97
C ASP A 132 -12.23 -22.75 9.09
N PRO A 133 -11.99 -22.54 7.79
CA PRO A 133 -13.05 -21.97 6.94
C PRO A 133 -14.19 -22.94 6.68
N THR A 134 -13.98 -24.25 6.84
CA THR A 134 -15.06 -25.20 6.60
C THR A 134 -16.08 -25.20 7.74
N THR A 135 -15.68 -24.84 8.95
CA THR A 135 -16.61 -24.71 10.06
C THR A 135 -16.92 -23.27 10.45
N ARG A 136 -16.12 -22.31 9.96
CA ARG A 136 -16.22 -20.92 10.38
C ARG A 136 -16.21 -20.79 11.90
N ASP A 137 -15.46 -21.68 12.55
CA ASP A 137 -15.42 -21.70 14.00
C ASP A 137 -14.67 -20.50 14.54
N VAL A 138 -15.21 -19.89 15.60
CA VAL A 138 -14.55 -18.79 16.28
C VAL A 138 -14.21 -19.09 17.73
N SER A 139 -14.53 -20.29 18.23
CA SER A 139 -14.26 -20.60 19.62
C SER A 139 -12.76 -20.59 19.92
N LYS A 140 -11.95 -21.18 19.03
CA LYS A 140 -10.51 -21.19 19.26
C LYS A 140 -9.94 -19.77 19.17
N MET A 141 -10.46 -18.96 18.25
CA MET A 141 -10.01 -17.58 18.15
C MET A 141 -10.26 -16.85 19.47
N LYS A 142 -11.47 -16.97 19.99
CA LYS A 142 -11.79 -16.30 21.26
C LYS A 142 -10.90 -16.82 22.39
N PHE A 143 -10.56 -18.11 22.35
CA PHE A 143 -9.67 -18.65 23.38
C PHE A 143 -8.30 -17.99 23.33
N TYR A 144 -7.74 -17.85 22.12
CA TYR A 144 -6.43 -17.23 21.98
C TYR A 144 -6.47 -15.72 22.14
N MET A 145 -7.62 -15.10 21.92
CA MET A 145 -7.71 -13.68 22.24
C MET A 145 -7.75 -13.47 23.75
N ASP A 146 -8.40 -14.37 24.47
CA ASP A 146 -8.37 -14.28 25.92
C ASP A 146 -6.98 -14.60 26.46
N LYS A 147 -6.34 -15.63 25.91
CA LYS A 147 -5.06 -16.08 26.44
C LYS A 147 -3.98 -15.01 26.23
N TYR A 148 -3.90 -14.44 25.04
CA TYR A 148 -2.79 -13.54 24.72
C TYR A 148 -3.18 -12.07 24.65
N GLY A 149 -4.47 -11.76 24.53
CA GLY A 149 -4.89 -10.38 24.64
C GLY A 149 -4.68 -9.59 23.35
N LEU A 150 -4.62 -8.28 23.50
CA LEU A 150 -4.55 -7.37 22.38
C LEU A 150 -3.32 -6.48 22.49
N ASP A 151 -3.07 -5.71 21.43
CA ASP A 151 -1.94 -4.81 21.34
C ASP A 151 -0.62 -5.56 21.53
N LEU A 152 -0.47 -6.65 20.80
CA LEU A 152 0.76 -7.42 20.81
C LEU A 152 1.78 -6.75 19.90
N PRO A 153 3.07 -6.97 20.15
CA PRO A 153 4.09 -6.34 19.29
C PRO A 153 3.97 -6.79 17.84
N TYR A 154 4.37 -5.91 16.94
CA TYR A 154 4.52 -6.26 15.54
C TYR A 154 5.83 -6.99 15.36
N SER A 155 5.85 -7.97 14.46
CA SER A 155 7.05 -8.76 14.19
C SER A 155 7.69 -8.22 12.92
N THR A 156 8.90 -7.65 13.04
CA THR A 156 9.56 -6.99 11.93
C THR A 156 10.29 -8.00 11.05
N TYR A 157 10.00 -7.98 9.74
CA TYR A 157 10.69 -8.82 8.77
C TYR A 157 11.15 -7.98 7.59
N VAL A 158 12.15 -8.49 6.86
CA VAL A 158 12.64 -7.84 5.64
C VAL A 158 11.98 -8.49 4.43
N LYS A 159 11.42 -7.66 3.54
CA LYS A 159 10.60 -8.15 2.44
C LYS A 159 11.45 -8.69 1.30
N ASP A 160 11.11 -9.89 0.84
CA ASP A 160 11.83 -10.56 -0.23
C ASP A 160 11.18 -10.14 -1.55
N GLU A 161 11.88 -9.32 -2.31
CA GLU A 161 11.32 -8.74 -3.52
C GLU A 161 12.46 -8.17 -4.36
N LEU A 162 12.16 -7.88 -5.62
CA LEU A 162 13.13 -7.21 -6.48
C LEU A 162 13.24 -5.73 -6.11
N ARG A 163 14.47 -5.23 -6.13
CA ARG A 163 14.76 -3.81 -5.90
C ARG A 163 15.79 -3.36 -6.94
N SER A 164 15.79 -2.07 -7.25
CA SER A 164 16.80 -1.51 -8.13
C SER A 164 18.19 -1.71 -7.54
N ILE A 165 19.19 -1.76 -8.42
CA ILE A 165 20.54 -2.08 -7.96
C ILE A 165 21.07 -1.01 -7.02
N ASP A 166 20.65 0.24 -7.19
CA ASP A 166 21.12 1.27 -6.28
C ASP A 166 20.51 1.10 -4.89
N LYS A 167 19.29 0.58 -4.81
CA LYS A 167 18.71 0.28 -3.49
C LYS A 167 19.36 -0.94 -2.86
N ILE A 168 19.89 -1.85 -3.67
CA ILE A 168 20.68 -2.96 -3.14
C ILE A 168 21.90 -2.42 -2.41
N LYS A 169 22.70 -1.62 -3.12
CA LYS A 169 23.95 -1.12 -2.54
C LYS A 169 23.70 -0.24 -1.34
N LYS A 170 22.60 0.52 -1.34
CA LYS A 170 22.27 1.40 -0.24
C LYS A 170 21.48 0.72 0.87
N GLY A 171 21.30 -0.60 0.78
CA GLY A 171 20.59 -1.33 1.84
C GLY A 171 19.15 -0.94 2.03
N LYS A 172 18.54 -0.29 1.04
CA LYS A 172 17.16 0.17 1.16
C LYS A 172 16.18 -0.96 0.81
N SER A 173 16.22 -2.00 1.64
CA SER A 173 15.15 -2.99 1.59
C SER A 173 13.97 -2.49 2.40
N ARG A 174 12.82 -3.10 2.16
CA ARG A 174 11.60 -2.66 2.82
C ARG A 174 11.26 -3.60 3.97
N LEU A 175 10.79 -3.02 5.07
CA LEU A 175 10.41 -3.80 6.24
C LEU A 175 8.93 -4.13 6.21
N ILE A 176 8.61 -5.35 6.62
CA ILE A 176 7.26 -5.82 6.89
C ILE A 176 7.04 -5.76 8.40
N GLU A 177 5.90 -5.21 8.83
CA GLU A 177 5.53 -5.21 10.24
C GLU A 177 4.34 -6.16 10.38
N ALA A 178 4.62 -7.41 10.73
CA ALA A 178 3.58 -8.44 10.77
C ALA A 178 2.69 -8.25 11.98
N SER A 179 1.39 -8.14 11.73
CA SER A 179 0.41 -8.02 12.80
C SER A 179 0.18 -9.37 13.47
N SER A 180 0.02 -9.34 14.79
CA SER A 180 -0.56 -10.48 15.48
C SER A 180 -1.96 -10.74 14.98
N LEU A 181 -2.31 -12.02 14.82
CA LEU A 181 -3.66 -12.38 14.44
C LEU A 181 -4.69 -11.76 15.38
N ASN A 182 -4.38 -11.67 16.68
CA ASN A 182 -5.33 -11.09 17.62
C ASN A 182 -5.70 -9.67 17.21
N ASP A 183 -4.70 -8.86 16.85
CA ASP A 183 -4.98 -7.47 16.51
C ASP A 183 -5.64 -7.32 15.15
N SER A 184 -5.30 -8.18 14.18
CA SER A 184 -6.02 -8.14 12.90
C SER A 184 -7.50 -8.46 13.10
N VAL A 185 -7.79 -9.48 13.93
CA VAL A 185 -9.19 -9.80 14.18
C VAL A 185 -9.89 -8.64 14.87
N TYR A 186 -9.23 -8.01 15.85
CA TYR A 186 -9.91 -6.99 16.62
C TYR A 186 -10.16 -5.74 15.79
N LEU A 187 -9.20 -5.34 14.95
CA LEU A 187 -9.42 -4.19 14.09
C LEU A 187 -10.45 -4.47 13.03
N ARG A 188 -10.50 -5.70 12.52
CA ARG A 188 -11.54 -6.05 11.55
C ARG A 188 -12.91 -6.01 12.19
N MET A 189 -13.02 -6.41 13.46
CA MET A 189 -14.31 -6.29 14.12
C MET A 189 -14.72 -4.82 14.27
N ALA A 190 -13.75 -3.96 14.61
CA ALA A 190 -14.09 -2.56 14.83
C ALA A 190 -14.43 -1.85 13.53
N PHE A 191 -13.64 -2.12 12.48
CA PHE A 191 -13.70 -1.32 11.26
C PHE A 191 -14.07 -2.11 10.03
N GLY A 192 -14.54 -3.35 10.19
CA GLY A 192 -14.77 -4.20 9.03
C GLY A 192 -15.78 -3.61 8.05
N HIS A 193 -16.83 -2.98 8.57
CA HIS A 193 -17.82 -2.42 7.65
C HIS A 193 -17.29 -1.20 6.92
N LEU A 194 -16.37 -0.45 7.54
CA LEU A 194 -15.71 0.63 6.78
C LEU A 194 -14.84 0.05 5.68
N TYR A 195 -14.10 -1.03 5.98
CA TYR A 195 -13.36 -1.71 4.92
C TYR A 195 -14.28 -2.04 3.75
N GLU A 196 -15.43 -2.67 4.04
CA GLU A 196 -16.37 -3.07 3.00
C GLU A 196 -16.83 -1.87 2.18
N ALA A 197 -17.16 -0.76 2.86
CA ALA A 197 -17.67 0.43 2.17
C ALA A 197 -16.61 1.01 1.24
N PHE A 198 -15.36 1.08 1.70
CA PHE A 198 -14.29 1.55 0.85
C PHE A 198 -14.07 0.62 -0.34
N HIS A 199 -13.99 -0.69 -0.07
CA HIS A 199 -13.74 -1.64 -1.15
C HIS A 199 -14.82 -1.56 -2.22
N ALA A 200 -16.07 -1.32 -1.81
CA ALA A 200 -17.16 -1.25 -2.75
C ALA A 200 -17.25 0.09 -3.46
N ASN A 201 -16.54 1.13 -3.01
CA ASN A 201 -16.70 2.47 -3.58
C ASN A 201 -15.37 3.15 -3.88
N PRO A 202 -14.49 2.54 -4.70
CA PRO A 202 -13.33 3.28 -5.18
C PRO A 202 -13.78 4.48 -6.01
N GLY A 203 -13.17 5.62 -5.78
CA GLY A 203 -13.52 6.83 -6.50
C GLY A 203 -13.32 8.05 -5.62
N THR A 204 -14.02 9.14 -5.96
CA THR A 204 -13.77 10.42 -5.32
C THR A 204 -14.66 10.69 -4.10
N ILE A 205 -15.52 9.75 -3.73
CA ILE A 205 -16.27 9.90 -2.48
C ILE A 205 -15.44 9.39 -1.31
N THR A 206 -14.96 8.15 -1.42
CA THR A 206 -13.92 7.67 -0.51
C THR A 206 -12.59 8.41 -0.68
N GLY A 207 -12.34 8.97 -1.87
CA GLY A 207 -11.02 9.48 -2.15
C GLY A 207 -9.98 8.37 -2.17
N SER A 208 -10.39 7.13 -2.44
CA SER A 208 -9.56 5.94 -2.36
C SER A 208 -9.74 5.09 -3.60
N ALA A 209 -8.67 4.45 -4.06
CA ALA A 209 -8.77 3.49 -5.16
C ALA A 209 -8.72 2.03 -4.71
N VAL A 210 -8.69 1.76 -3.39
CA VAL A 210 -8.71 0.38 -2.92
C VAL A 210 -10.00 -0.26 -3.41
N GLY A 211 -9.89 -1.42 -4.03
CA GLY A 211 -11.03 -2.06 -4.66
C GLY A 211 -11.16 -1.80 -6.16
N CYS A 212 -10.37 -0.91 -6.73
CA CYS A 212 -10.53 -0.60 -8.15
C CYS A 212 -9.90 -1.69 -9.03
N ASN A 213 -10.43 -1.81 -10.25
CA ASN A 213 -9.85 -2.65 -11.29
C ASN A 213 -9.33 -1.72 -12.37
N PRO A 214 -8.01 -1.57 -12.52
CA PRO A 214 -7.48 -0.56 -13.45
C PRO A 214 -7.97 -0.73 -14.89
N ASP A 215 -8.25 -1.97 -15.32
CA ASP A 215 -8.70 -2.19 -16.70
C ASP A 215 -9.89 -1.32 -17.06
N THR A 216 -10.80 -1.11 -16.11
CA THR A 216 -11.99 -0.28 -16.33
C THR A 216 -11.95 1.04 -15.58
N PHE A 217 -11.25 1.09 -14.44
CA PHE A 217 -11.22 2.30 -13.62
C PHE A 217 -10.45 3.41 -14.31
N TRP A 218 -9.47 3.07 -15.14
CA TRP A 218 -8.68 4.09 -15.82
C TRP A 218 -9.55 5.00 -16.68
N SER A 219 -10.58 4.44 -17.32
CA SER A 219 -11.45 5.29 -18.13
C SER A 219 -12.27 6.23 -17.27
N LYS A 220 -12.44 5.89 -15.99
CA LYS A 220 -13.18 6.74 -15.08
C LYS A 220 -12.31 7.86 -14.51
N LEU A 221 -11.00 7.65 -14.41
CA LEU A 221 -10.20 8.64 -13.69
C LEU A 221 -10.26 10.04 -14.30
N PRO A 222 -10.17 10.24 -15.63
CA PRO A 222 -10.30 11.61 -16.17
C PRO A 222 -11.66 12.22 -15.95
N ILE A 223 -12.70 11.42 -15.75
CA ILE A 223 -14.03 11.94 -15.45
C ILE A 223 -14.18 12.26 -13.96
N LEU A 224 -13.54 11.47 -13.11
CA LEU A 224 -13.54 11.71 -11.68
C LEU A 224 -12.67 12.90 -11.30
N LEU A 225 -11.62 13.15 -12.07
CA LEU A 225 -10.63 14.19 -11.77
C LEU A 225 -10.60 15.23 -12.88
N PRO A 226 -11.70 15.95 -13.09
CA PRO A 226 -11.74 16.97 -14.14
C PRO A 226 -11.01 18.23 -13.68
N GLY A 227 -10.71 19.09 -14.64
CA GLY A 227 -10.03 20.32 -14.29
C GLY A 227 -8.52 20.16 -14.38
N SER A 228 -7.78 20.89 -13.54
CA SER A 228 -6.32 20.93 -13.64
C SER A 228 -5.74 19.81 -12.78
N LEU A 229 -5.16 18.82 -13.43
CA LEU A 229 -4.59 17.66 -12.76
C LEU A 229 -3.30 18.04 -12.01
N PHE A 230 -3.10 17.43 -10.83
CA PHE A 230 -1.81 17.55 -10.16
C PHE A 230 -1.50 16.28 -9.39
N ALA A 231 -0.23 16.11 -9.09
CA ALA A 231 0.24 14.93 -8.40
C ALA A 231 1.65 15.19 -7.92
N PHE A 232 2.08 14.40 -6.94
CA PHE A 232 3.44 14.46 -6.43
C PHE A 232 3.71 13.13 -5.75
N ASP A 233 4.98 12.89 -5.42
CA ASP A 233 5.37 11.69 -4.71
C ASP A 233 5.74 12.03 -3.27
N TYR A 234 5.68 11.02 -2.41
CA TYR A 234 6.21 11.10 -1.05
C TYR A 234 7.45 10.24 -0.93
N SER A 235 8.42 10.72 -0.15
CA SER A 235 9.56 9.91 0.29
C SER A 235 9.24 9.33 1.66
N GLY A 236 9.13 7.99 1.74
CA GLY A 236 8.92 7.31 3.02
C GLY A 236 7.66 7.76 3.74
N TYR A 237 6.55 7.84 3.01
CA TYR A 237 5.28 8.31 3.56
C TYR A 237 4.95 7.66 4.90
N ASP A 238 4.86 6.32 4.92
CA ASP A 238 4.32 5.60 6.07
C ASP A 238 5.08 5.98 7.33
N ALA A 239 6.42 5.87 7.28
CA ALA A 239 7.19 6.09 8.49
C ALA A 239 7.35 7.57 8.80
N SER A 240 7.05 8.46 7.84
CA SER A 240 7.15 9.89 8.11
C SER A 240 5.93 10.45 8.83
N LEU A 241 4.83 9.71 8.91
CA LEU A 241 3.61 10.25 9.51
C LEU A 241 3.84 10.53 10.99
N SER A 242 3.62 11.78 11.39
CA SER A 242 3.65 12.17 12.80
C SER A 242 2.34 11.79 13.49
N PRO A 243 2.32 11.80 14.82
CA PRO A 243 1.08 11.44 15.52
C PRO A 243 -0.09 12.34 15.16
N VAL A 244 0.16 13.57 14.73
CA VAL A 244 -0.95 14.47 14.40
C VAL A 244 -1.90 13.83 13.38
N TRP A 245 -1.36 13.04 12.44
CA TRP A 245 -2.24 12.50 11.40
C TRP A 245 -3.10 11.36 11.94
N PHE A 246 -2.61 10.65 12.96
CA PHE A 246 -3.47 9.68 13.61
C PHE A 246 -4.55 10.36 14.46
N ARG A 247 -4.21 11.49 15.10
CA ARG A 247 -5.25 12.26 15.78
C ARG A 247 -6.27 12.79 14.80
N ALA A 248 -5.80 13.17 13.61
CA ALA A 248 -6.71 13.63 12.57
C ALA A 248 -7.62 12.50 12.10
N LEU A 249 -7.05 11.30 11.88
CA LEU A 249 -7.87 10.16 11.50
C LEU A 249 -8.92 9.86 12.57
N GLU A 250 -8.55 10.01 13.85
CA GLU A 250 -9.53 9.81 14.91
C GLU A 250 -10.68 10.80 14.79
N LEU A 251 -10.36 12.05 14.46
CA LEU A 251 -11.41 13.07 14.28
C LEU A 251 -12.38 12.64 13.20
N VAL A 252 -11.87 12.07 12.10
CA VAL A 252 -12.72 11.60 11.02
C VAL A 252 -13.62 10.48 11.50
N LEU A 253 -13.05 9.47 12.16
CA LEU A 253 -13.84 8.33 12.62
C LEU A 253 -14.91 8.78 13.62
N ARG A 254 -14.56 9.69 14.51
CA ARG A 254 -15.51 10.18 15.50
C ARG A 254 -16.66 10.88 14.80
N GLU A 255 -16.35 11.70 13.80
CA GLU A 255 -17.35 12.52 13.13
C GLU A 255 -18.29 11.67 12.29
N ILE A 256 -17.82 10.55 11.73
CA ILE A 256 -18.73 9.71 10.96
C ILE A 256 -19.49 8.73 11.84
N GLY A 257 -19.26 8.75 13.15
CA GLY A 257 -20.18 8.05 14.04
C GLY A 257 -19.62 6.94 14.91
N TYR A 258 -18.31 6.70 14.84
CA TYR A 258 -17.74 5.64 15.65
C TYR A 258 -17.75 5.99 17.13
N SER A 259 -17.93 4.97 17.95
CA SER A 259 -17.87 5.14 19.39
C SER A 259 -16.45 5.51 19.82
N GLU A 260 -16.33 6.10 21.01
CA GLU A 260 -15.01 6.45 21.53
C GLU A 260 -14.15 5.21 21.68
N GLU A 261 -14.75 4.08 22.06
CA GLU A 261 -13.99 2.84 22.21
C GLU A 261 -13.41 2.38 20.87
N ALA A 262 -14.18 2.50 19.79
CA ALA A 262 -13.65 2.14 18.47
C ALA A 262 -12.57 3.13 18.03
N VAL A 263 -12.81 4.42 18.22
CA VAL A 263 -11.83 5.44 17.83
C VAL A 263 -10.52 5.24 18.57
N SER A 264 -10.58 4.78 19.82
CA SER A 264 -9.37 4.68 20.62
C SER A 264 -8.41 3.63 20.08
N LEU A 265 -8.88 2.69 19.25
CA LEU A 265 -7.99 1.68 18.69
C LEU A 265 -6.90 2.30 17.83
N ILE A 266 -7.13 3.49 17.28
CA ILE A 266 -6.14 4.13 16.43
C ILE A 266 -4.90 4.50 17.22
N GLU A 267 -5.04 4.77 18.52
CA GLU A 267 -3.84 5.03 19.30
C GLU A 267 -2.92 3.81 19.32
N GLY A 268 -3.48 2.60 19.23
CA GLY A 268 -2.68 1.38 19.15
C GLY A 268 -2.01 1.15 17.81
N ILE A 269 -2.29 2.00 16.83
CA ILE A 269 -1.59 2.02 15.56
C ILE A 269 -0.54 3.13 15.53
N ASN A 270 -0.89 4.29 16.10
CA ASN A 270 0.06 5.38 16.23
C ASN A 270 1.23 4.96 17.12
N HIS A 271 0.93 4.29 18.21
CA HIS A 271 1.96 3.84 19.16
C HIS A 271 2.03 2.32 19.12
N THR A 272 3.19 1.80 18.73
CA THR A 272 3.35 0.36 18.53
C THR A 272 4.72 -0.07 19.04
N HIS A 273 4.76 -1.30 19.53
CA HIS A 273 6.03 -1.95 19.85
C HIS A 273 6.32 -3.03 18.80
N HIS A 274 7.60 -3.21 18.51
CA HIS A 274 8.06 -4.11 17.45
C HIS A 274 9.19 -4.96 17.96
N VAL A 275 9.31 -6.18 17.41
CA VAL A 275 10.44 -7.05 17.70
C VAL A 275 11.15 -7.34 16.38
N TYR A 276 12.43 -7.00 16.31
CA TYR A 276 13.29 -7.34 15.19
C TYR A 276 14.50 -8.10 15.73
N ARG A 277 14.70 -9.33 15.23
CA ARG A 277 15.77 -10.20 15.71
C ARG A 277 15.65 -10.35 17.21
N ASN A 278 16.64 -9.89 17.99
CA ASN A 278 16.62 -10.08 19.43
C ASN A 278 16.37 -8.79 20.21
N LYS A 279 15.68 -7.82 19.61
CA LYS A 279 15.45 -6.54 20.27
C LYS A 279 14.00 -6.13 20.11
N THR A 280 13.51 -5.40 21.12
CA THR A 280 12.19 -4.80 21.14
C THR A 280 12.33 -3.29 21.00
N TYR A 281 11.45 -2.66 20.19
CA TYR A 281 11.55 -1.21 20.10
C TYR A 281 10.17 -0.58 20.02
N CYS A 282 10.14 0.67 20.45
CA CYS A 282 8.93 1.48 20.56
C CYS A 282 8.95 2.53 19.46
N VAL A 283 7.86 2.63 18.72
CA VAL A 283 7.73 3.58 17.61
C VAL A 283 6.50 4.43 17.90
N LEU A 284 6.70 5.74 17.95
CA LEU A 284 5.63 6.72 18.14
C LEU A 284 5.39 7.43 16.81
N GLY A 285 4.17 7.34 16.30
CA GLY A 285 3.91 7.79 14.94
C GLY A 285 4.30 6.70 13.95
N GLY A 286 4.03 6.97 12.67
CA GLY A 286 4.35 6.00 11.66
C GLY A 286 3.27 4.95 11.49
N MET A 287 2.83 4.71 10.27
CA MET A 287 1.86 3.66 10.00
C MET A 287 2.57 2.33 9.99
N PRO A 288 2.24 1.38 10.86
CA PRO A 288 2.86 0.06 10.81
C PRO A 288 2.37 -0.68 9.57
N SER A 289 3.30 -0.95 8.64
N SER A 289 3.23 -0.73 8.55
CA SER A 289 2.94 -1.35 7.28
CA SER A 289 2.86 -1.34 7.28
C SER A 289 2.09 -2.63 7.20
C SER A 289 2.77 -2.84 7.52
N GLY A 290 2.09 -3.48 8.22
N GLY A 290 1.54 -3.33 7.63
CA GLY A 290 1.36 -4.72 8.12
CA GLY A 290 1.29 -4.70 8.03
C GLY A 290 0.16 -4.81 9.03
C GLY A 290 0.13 -4.79 9.00
N CYS A 291 -0.28 -3.69 9.57
N CYS A 291 -0.29 -3.65 9.52
CA CYS A 291 -1.47 -3.70 10.40
CA CYS A 291 -1.48 -3.59 10.35
C CYS A 291 -2.71 -3.87 9.53
C CYS A 291 -2.72 -3.88 9.50
N SER A 292 -3.79 -4.31 10.17
CA SER A 292 -5.08 -4.35 9.50
C SER A 292 -5.44 -2.92 9.11
N GLY A 293 -5.89 -2.75 7.88
CA GLY A 293 -6.32 -1.44 7.42
C GLY A 293 -5.23 -0.50 6.91
N THR A 294 -3.99 -0.99 6.75
CA THR A 294 -2.90 -0.13 6.29
C THR A 294 -3.27 0.72 5.07
N SER A 295 -3.72 0.07 4.00
N SER A 295 -3.71 0.06 4.00
CA SER A 295 -3.90 0.84 2.76
CA SER A 295 -3.95 0.77 2.75
C SER A 295 -5.07 1.80 2.87
C SER A 295 -5.04 1.81 2.91
N ILE A 296 -6.14 1.42 3.56
CA ILE A 296 -7.27 2.32 3.72
C ILE A 296 -6.90 3.48 4.65
N PHE A 297 -6.33 3.17 5.81
CA PHE A 297 -5.97 4.26 6.72
C PHE A 297 -4.93 5.18 6.11
N ASN A 298 -3.94 4.62 5.40
CA ASN A 298 -3.01 5.49 4.68
C ASN A 298 -3.77 6.35 3.66
N SER A 299 -4.75 5.77 2.98
CA SER A 299 -5.51 6.54 1.98
C SER A 299 -6.34 7.63 2.64
N MET A 300 -7.00 7.31 3.76
CA MET A 300 -7.77 8.32 4.48
C MET A 300 -6.86 9.45 4.95
N ILE A 301 -5.69 9.11 5.50
CA ILE A 301 -4.79 10.16 5.97
C ILE A 301 -4.30 11.03 4.81
N ASN A 302 -4.08 10.43 3.64
CA ASN A 302 -3.68 11.22 2.47
C ASN A 302 -4.77 12.23 2.10
N ASN A 303 -6.04 11.82 2.20
CA ASN A 303 -7.15 12.76 1.94
C ASN A 303 -7.13 13.93 2.92
N ILE A 304 -6.77 13.66 4.18
CA ILE A 304 -6.67 14.73 5.16
C ILE A 304 -5.46 15.62 4.85
N ILE A 305 -4.34 15.01 4.51
CA ILE A 305 -3.10 15.76 4.30
C ILE A 305 -3.29 16.79 3.18
N ILE A 306 -3.75 16.34 2.02
CA ILE A 306 -3.78 17.25 0.88
C ILE A 306 -4.74 18.40 1.14
N ARG A 307 -5.88 18.10 1.76
CA ARG A 307 -6.80 19.17 2.15
C ARG A 307 -6.11 20.17 3.05
N ALA A 308 -5.40 19.68 4.08
CA ALA A 308 -4.76 20.58 5.03
C ALA A 308 -3.66 21.39 4.38
N LEU A 309 -2.84 20.75 3.54
CA LEU A 309 -1.78 21.48 2.83
C LEU A 309 -2.37 22.60 1.97
N LEU A 310 -3.47 22.32 1.27
CA LEU A 310 -4.08 23.31 0.39
C LEU A 310 -4.50 24.55 1.18
N ILE A 311 -5.30 24.36 2.24
CA ILE A 311 -5.83 25.52 2.93
C ILE A 311 -4.78 26.22 3.81
N LYS A 312 -3.70 25.52 4.19
CA LYS A 312 -2.63 26.21 4.90
C LYS A 312 -1.73 26.99 3.95
N THR A 313 -1.60 26.55 2.71
CA THR A 313 -0.67 27.18 1.76
C THR A 313 -1.33 28.32 0.99
N PHE A 314 -2.58 28.16 0.58
CA PHE A 314 -3.22 29.10 -0.31
C PHE A 314 -4.46 29.68 0.36
N LYS A 315 -4.72 30.94 0.05
CA LYS A 315 -5.94 31.62 0.47
C LYS A 315 -7.04 31.37 -0.55
N GLY A 316 -8.28 31.33 -0.06
CA GLY A 316 -9.41 31.23 -0.96
C GLY A 316 -9.60 29.89 -1.61
N ILE A 317 -9.05 28.83 -1.04
CA ILE A 317 -9.31 27.49 -1.53
C ILE A 317 -10.70 27.05 -1.10
N ASP A 318 -11.43 26.41 -2.01
CA ASP A 318 -12.70 25.78 -1.70
C ASP A 318 -12.47 24.27 -1.77
N LEU A 319 -12.40 23.62 -0.61
CA LEU A 319 -12.12 22.19 -0.59
C LEU A 319 -13.23 21.39 -1.26
N ASP A 320 -14.42 21.97 -1.41
CA ASP A 320 -15.47 21.27 -2.15
C ASP A 320 -15.07 21.03 -3.59
N GLU A 321 -14.13 21.82 -4.12
CA GLU A 321 -13.69 21.73 -5.50
C GLU A 321 -12.50 20.80 -5.67
N LEU A 322 -11.95 20.28 -4.57
CA LEU A 322 -10.88 19.30 -4.66
C LEU A 322 -11.44 17.96 -5.09
N ASN A 323 -10.80 17.33 -6.07
CA ASN A 323 -11.07 15.94 -6.43
C ASN A 323 -9.79 15.14 -6.23
N MET A 324 -9.88 14.00 -5.54
CA MET A 324 -8.65 13.22 -5.44
C MET A 324 -8.95 11.74 -5.22
N VAL A 325 -7.98 10.92 -5.62
CA VAL A 325 -8.08 9.48 -5.49
C VAL A 325 -6.72 9.02 -5.01
N ALA A 326 -6.67 8.42 -3.84
CA ALA A 326 -5.42 7.95 -3.27
C ALA A 326 -5.44 6.44 -3.14
N TYR A 327 -4.26 5.83 -3.24
CA TYR A 327 -4.09 4.43 -2.88
C TYR A 327 -2.90 4.45 -1.93
N GLY A 328 -3.17 4.46 -0.62
CA GLY A 328 -2.09 4.72 0.31
C GLY A 328 -1.50 6.08 0.00
N ASP A 329 -0.17 6.12 -0.14
CA ASP A 329 0.49 7.39 -0.42
C ASP A 329 0.39 7.80 -1.89
N ASP A 330 0.13 6.87 -2.78
CA ASP A 330 -0.02 7.19 -4.20
C ASP A 330 -1.27 8.03 -4.41
N VAL A 331 -1.23 8.95 -5.36
CA VAL A 331 -2.35 9.89 -5.50
C VAL A 331 -2.41 10.47 -6.90
N LEU A 332 -3.62 10.84 -7.31
CA LEU A 332 -3.86 11.74 -8.42
C LEU A 332 -4.95 12.67 -7.94
N ALA A 333 -4.88 13.95 -8.33
CA ALA A 333 -5.87 14.92 -7.85
C ALA A 333 -6.12 15.98 -8.90
N SER A 334 -7.20 16.73 -8.72
CA SER A 334 -7.45 17.87 -9.59
C SER A 334 -8.15 18.97 -8.82
N TYR A 335 -8.12 20.16 -9.41
CA TYR A 335 -8.68 21.39 -8.85
C TYR A 335 -8.98 22.31 -10.03
N PRO A 336 -9.95 23.21 -9.92
CA PRO A 336 -10.34 24.02 -11.10
C PRO A 336 -9.27 24.96 -11.61
N PHE A 337 -8.31 25.33 -10.78
CA PHE A 337 -7.17 26.16 -11.15
C PHE A 337 -5.87 25.40 -10.91
N PRO A 338 -4.84 25.64 -11.71
CA PRO A 338 -3.53 25.05 -11.40
C PRO A 338 -3.07 25.52 -10.03
N ILE A 339 -2.43 24.61 -9.30
CA ILE A 339 -1.89 24.95 -7.99
C ILE A 339 -0.41 24.61 -7.99
N ASP A 340 0.36 25.38 -7.24
CA ASP A 340 1.81 25.27 -7.24
C ASP A 340 2.21 24.24 -6.20
N CYS A 341 2.53 23.02 -6.66
CA CYS A 341 2.85 21.95 -5.73
C CYS A 341 4.22 22.11 -5.09
N LEU A 342 5.09 22.96 -5.63
CA LEU A 342 6.32 23.29 -4.91
C LEU A 342 6.00 23.97 -3.60
N GLU A 343 5.03 24.90 -3.62
CA GLU A 343 4.60 25.56 -2.40
C GLU A 343 3.92 24.58 -1.46
N LEU A 344 3.09 23.68 -2.01
CA LEU A 344 2.50 22.64 -1.19
C LEU A 344 3.58 21.79 -0.53
N ALA A 345 4.63 21.46 -1.28
CA ALA A 345 5.70 20.64 -0.72
C ALA A 345 6.41 21.35 0.41
N LYS A 346 6.57 22.67 0.32
CA LYS A 346 7.19 23.42 1.41
C LYS A 346 6.35 23.33 2.68
N THR A 347 5.03 23.44 2.55
CA THR A 347 4.17 23.27 3.71
C THR A 347 4.22 21.83 4.23
N GLY A 348 4.30 20.86 3.32
CA GLY A 348 4.43 19.48 3.75
C GLY A 348 5.61 19.28 4.66
N LYS A 349 6.72 19.96 4.38
CA LYS A 349 7.92 19.81 5.19
C LYS A 349 7.68 20.22 6.63
N GLU A 350 6.92 21.30 6.85
CA GLU A 350 6.61 21.71 8.21
C GLU A 350 5.87 20.62 8.97
N TYR A 351 5.03 19.87 8.27
CA TYR A 351 4.32 18.75 8.85
C TYR A 351 5.13 17.46 8.87
N GLY A 352 6.41 17.51 8.50
CA GLY A 352 7.25 16.31 8.51
C GLY A 352 7.10 15.41 7.30
N LEU A 353 6.42 15.86 6.26
CA LEU A 353 6.26 15.09 5.04
C LEU A 353 7.27 15.57 3.99
N THR A 354 7.87 14.62 3.27
CA THR A 354 8.82 14.89 2.19
C THR A 354 8.15 14.58 0.87
N MET A 355 7.74 15.64 0.16
CA MET A 355 7.07 15.52 -1.13
C MET A 355 8.03 15.92 -2.25
N THR A 356 8.02 15.14 -3.32
CA THR A 356 8.90 15.34 -4.46
C THR A 356 8.09 15.29 -5.74
N PRO A 357 8.64 15.77 -6.86
CA PRO A 357 7.90 15.76 -8.11
C PRO A 357 7.52 14.34 -8.54
N ALA A 358 6.33 14.22 -9.12
CA ALA A 358 5.78 12.92 -9.49
C ALA A 358 6.71 12.17 -10.43
N ASP A 359 7.01 10.92 -10.08
CA ASP A 359 7.75 10.00 -10.93
C ASP A 359 9.15 10.53 -11.26
N LYS A 360 9.80 11.12 -10.26
CA LYS A 360 11.18 11.59 -10.38
C LYS A 360 11.36 12.56 -11.54
N SER A 361 10.32 13.36 -11.83
CA SER A 361 10.48 14.44 -12.79
C SER A 361 11.25 15.57 -12.11
N PRO A 362 11.84 16.47 -12.90
CA PRO A 362 12.74 17.47 -12.30
C PRO A 362 12.03 18.55 -11.49
N CYS A 363 10.80 18.90 -11.83
CA CYS A 363 10.11 19.93 -11.07
C CYS A 363 8.63 19.59 -10.96
N PHE A 364 7.98 20.29 -10.03
CA PHE A 364 6.56 20.12 -9.80
C PHE A 364 5.77 20.82 -10.91
N ASN A 365 4.48 20.54 -10.96
CA ASN A 365 3.54 21.30 -11.78
C ASN A 365 3.65 21.01 -13.27
N GLU A 366 4.27 19.91 -13.67
CA GLU A 366 4.26 19.55 -15.08
C GLU A 366 3.49 18.26 -15.33
N VAL A 367 2.64 17.87 -14.38
CA VAL A 367 1.84 16.66 -14.50
C VAL A 367 0.68 16.92 -15.46
N ASN A 368 0.48 16.02 -16.42
CA ASN A 368 -0.72 16.03 -17.26
C ASN A 368 -1.12 14.58 -17.52
N TRP A 369 -2.27 14.40 -18.17
CA TRP A 369 -2.76 13.05 -18.44
C TRP A 369 -1.81 12.28 -19.35
N GLY A 370 -1.02 12.99 -20.17
CA GLY A 370 -0.07 12.32 -21.03
C GLY A 370 1.13 11.74 -20.32
N ASN A 371 1.45 12.26 -19.13
CA ASN A 371 2.59 11.73 -18.37
C ASN A 371 2.22 11.24 -16.97
N ALA A 372 0.96 11.40 -16.55
CA ALA A 372 0.58 10.95 -15.22
C ALA A 372 0.70 9.42 -15.09
N THR A 373 0.98 8.96 -13.87
CA THR A 373 0.88 7.55 -13.55
C THR A 373 0.10 7.38 -12.24
N PHE A 374 -0.38 6.16 -12.04
CA PHE A 374 -1.07 5.77 -10.81
C PHE A 374 -0.96 4.26 -10.74
N LEU A 375 -0.61 3.73 -9.57
CA LEU A 375 -0.40 2.29 -9.43
C LEU A 375 0.56 1.79 -10.51
N LYS A 376 1.62 2.56 -10.74
CA LYS A 376 2.68 2.35 -11.73
C LYS A 376 2.22 2.37 -13.18
N ARG A 377 1.00 2.78 -13.48
CA ARG A 377 0.47 2.71 -14.84
C ARG A 377 0.20 4.10 -15.42
N GLY A 378 0.55 4.28 -16.69
CA GLY A 378 0.17 5.50 -17.39
C GLY A 378 -1.24 5.41 -17.96
N PHE A 379 -1.62 6.46 -18.70
CA PHE A 379 -2.97 6.61 -19.25
C PHE A 379 -2.86 6.80 -20.75
N LEU A 380 -3.40 5.86 -21.52
CA LEU A 380 -3.28 5.90 -22.98
C LEU A 380 -4.65 5.73 -23.61
N PRO A 381 -5.21 6.76 -24.24
CA PRO A 381 -6.51 6.59 -24.90
C PRO A 381 -6.42 5.53 -25.99
N ASP A 382 -7.47 4.72 -26.08
CA ASP A 382 -7.58 3.78 -27.19
C ASP A 382 -7.69 4.55 -28.51
N GLU A 383 -7.04 4.04 -29.56
CA GLU A 383 -7.03 4.79 -30.82
C GLU A 383 -8.42 4.81 -31.47
N GLN A 384 -9.17 3.71 -31.37
CA GLN A 384 -10.48 3.64 -31.98
C GLN A 384 -11.54 4.33 -31.13
N PHE A 385 -11.45 4.18 -29.81
CA PHE A 385 -12.43 4.70 -28.86
C PHE A 385 -11.70 5.51 -27.80
N PRO A 386 -11.39 6.78 -28.12
CA PRO A 386 -10.50 7.56 -27.24
C PRO A 386 -11.03 7.79 -25.84
N PHE A 387 -12.34 7.62 -25.61
CA PHE A 387 -12.94 7.75 -24.29
C PHE A 387 -12.69 6.52 -23.41
N LEU A 388 -12.07 5.49 -23.95
CA LEU A 388 -11.65 4.32 -23.20
C LEU A 388 -10.14 4.40 -23.03
N ILE A 389 -9.67 4.33 -21.78
CA ILE A 389 -8.29 4.65 -21.44
C ILE A 389 -7.58 3.36 -21.06
N HIS A 390 -6.48 3.04 -21.75
CA HIS A 390 -5.65 1.89 -21.40
C HIS A 390 -4.75 2.20 -20.20
N PRO A 391 -4.67 1.33 -19.20
CA PRO A 391 -3.62 1.50 -18.17
C PRO A 391 -2.34 0.91 -18.72
N THR A 392 -1.27 1.67 -18.70
CA THR A 392 -0.02 1.24 -19.34
C THR A 392 1.04 1.00 -18.28
N MET A 393 1.18 -0.26 -17.87
CA MET A 393 2.38 -0.68 -17.13
C MET A 393 3.56 -0.60 -18.08
N PRO A 394 4.61 0.18 -17.76
CA PRO A 394 5.74 0.29 -18.69
C PRO A 394 6.37 -1.06 -18.95
N MET A 395 6.78 -1.28 -20.21
CA MET A 395 7.44 -2.53 -20.55
C MET A 395 8.69 -2.77 -19.73
N ARG A 396 9.40 -1.69 -19.35
CA ARG A 396 10.59 -1.87 -18.53
C ARG A 396 10.27 -2.58 -17.22
N GLU A 397 9.08 -2.33 -16.66
CA GLU A 397 8.70 -2.95 -15.39
C GLU A 397 8.34 -4.40 -15.59
N ILE A 398 7.67 -4.70 -16.70
CA ILE A 398 7.32 -6.07 -17.06
C ILE A 398 8.57 -6.88 -17.34
N HIS A 399 9.57 -6.28 -17.99
CA HIS A 399 10.83 -6.98 -18.23
C HIS A 399 11.53 -7.35 -16.93
N GLU A 400 11.52 -6.44 -15.94
CA GLU A 400 12.13 -6.75 -14.65
C GLU A 400 11.51 -7.99 -14.01
N SER A 401 10.18 -8.10 -14.10
CA SER A 401 9.48 -9.21 -13.47
C SER A 401 9.77 -10.54 -14.16
N ILE A 402 9.82 -10.56 -15.49
CA ILE A 402 9.91 -11.82 -16.18
C ILE A 402 11.28 -12.47 -16.00
N ARG A 403 12.27 -11.70 -15.57
CA ARG A 403 13.66 -12.19 -15.48
C ARG A 403 13.94 -13.02 -14.24
N TRP A 404 12.96 -13.18 -13.35
CA TRP A 404 13.14 -13.87 -12.09
C TRP A 404 11.96 -14.81 -11.86
N THR A 405 12.15 -15.79 -10.99
CA THR A 405 11.10 -16.76 -10.71
C THR A 405 11.30 -17.36 -9.33
N LYS A 406 10.20 -17.80 -8.72
CA LYS A 406 10.28 -18.57 -7.48
C LYS A 406 10.31 -20.07 -7.74
N ASP A 407 9.95 -20.47 -8.95
CA ASP A 407 9.75 -21.86 -9.32
C ASP A 407 9.43 -21.90 -10.81
N ALA A 408 10.25 -22.60 -11.59
CA ALA A 408 10.04 -22.61 -13.04
C ALA A 408 8.69 -23.19 -13.43
N ARG A 409 8.05 -23.95 -12.54
CA ARG A 409 6.71 -24.45 -12.81
C ARG A 409 5.69 -23.32 -12.94
N ASN A 410 5.97 -22.15 -12.37
CA ASN A 410 5.05 -21.01 -12.45
C ASN A 410 5.14 -20.26 -13.78
N THR A 411 6.02 -20.66 -14.70
CA THR A 411 6.34 -19.81 -15.84
C THR A 411 5.10 -19.48 -16.68
N GLN A 412 4.24 -20.47 -16.93
CA GLN A 412 3.06 -20.22 -17.77
C GLN A 412 2.13 -19.18 -17.13
N ASP A 413 1.82 -19.34 -15.85
CA ASP A 413 0.94 -18.39 -15.17
C ASP A 413 1.58 -17.01 -15.09
N HIS A 414 2.86 -16.98 -14.74
CA HIS A 414 3.63 -15.74 -14.62
C HIS A 414 3.62 -14.98 -15.93
N VAL A 415 3.95 -15.65 -17.03
CA VAL A 415 4.01 -14.98 -18.32
C VAL A 415 2.62 -14.53 -18.76
N ARG A 416 1.61 -15.38 -18.59
CA ARG A 416 0.27 -14.95 -19.00
C ARG A 416 -0.15 -13.71 -18.24
N SER A 417 0.16 -13.66 -16.93
CA SER A 417 -0.17 -12.49 -16.12
C SER A 417 0.52 -11.23 -16.66
N LEU A 418 1.79 -11.36 -17.06
CA LEU A 418 2.49 -10.21 -17.60
C LEU A 418 1.93 -9.81 -18.96
N CYS A 419 1.50 -10.78 -19.77
CA CYS A 419 0.88 -10.45 -21.05
C CYS A 419 -0.36 -9.60 -20.87
N LEU A 420 -1.15 -9.86 -19.82
CA LEU A 420 -2.37 -9.07 -19.61
C LEU A 420 -2.04 -7.66 -19.17
N LEU A 421 -0.84 -7.42 -18.65
CA LEU A 421 -0.39 -6.06 -18.38
C LEU A 421 0.20 -5.43 -19.64
N ALA A 422 0.93 -6.22 -20.43
CA ALA A 422 1.76 -5.66 -21.49
C ALA A 422 0.94 -5.14 -22.67
N TRP A 423 -0.16 -5.82 -23.01
CA TRP A 423 -0.80 -5.58 -24.29
C TRP A 423 -1.39 -4.18 -24.38
N HIS A 424 -1.70 -3.57 -23.22
CA HIS A 424 -2.21 -2.19 -23.21
C HIS A 424 -1.24 -1.20 -23.83
N ASN A 425 0.06 -1.53 -23.85
CA ASN A 425 1.03 -0.65 -24.47
C ASN A 425 0.91 -0.61 -25.98
N GLY A 426 0.15 -1.51 -26.58
CA GLY A 426 -0.07 -1.44 -28.01
C GLY A 426 0.34 -2.69 -28.77
N LYS A 427 -0.19 -2.85 -29.98
CA LYS A 427 0.06 -4.09 -30.71
C LYS A 427 1.55 -4.28 -31.02
N GLN A 428 2.23 -3.20 -31.41
CA GLN A 428 3.65 -3.32 -31.78
C GLN A 428 4.49 -3.73 -30.57
N GLU A 429 4.31 -3.04 -29.45
CA GLU A 429 5.07 -3.37 -28.25
C GLU A 429 4.72 -4.76 -27.73
N TYR A 430 3.46 -5.13 -27.80
CA TYR A 430 3.08 -6.47 -27.33
C TYR A 430 3.72 -7.55 -28.20
N GLU A 431 3.65 -7.41 -29.52
CA GLU A 431 4.23 -8.45 -30.37
C GLU A 431 5.73 -8.56 -30.19
N LYS A 432 6.42 -7.46 -29.92
CA LYS A 432 7.86 -7.52 -29.65
C LYS A 432 8.15 -8.29 -28.36
N PHE A 433 7.31 -8.10 -27.35
CA PHE A 433 7.42 -8.83 -26.09
C PHE A 433 7.20 -10.32 -26.30
N VAL A 434 6.13 -10.67 -27.02
CA VAL A 434 5.79 -12.07 -27.28
C VAL A 434 6.87 -12.73 -28.13
N SER A 435 7.39 -12.02 -29.14
CA SER A 435 8.47 -12.56 -29.97
C SER A 435 9.70 -12.90 -29.13
N THR A 436 10.11 -12.00 -28.24
CA THR A 436 11.26 -12.29 -27.39
C THR A 436 11.00 -13.48 -26.48
N ILE A 437 9.78 -13.57 -25.93
CA ILE A 437 9.41 -14.73 -25.12
C ILE A 437 9.58 -16.01 -25.92
N ARG A 438 9.18 -15.99 -27.19
CA ARG A 438 9.18 -17.19 -28.03
C ARG A 438 10.55 -17.50 -28.64
N SER A 439 11.58 -16.73 -28.29
CA SER A 439 12.92 -16.97 -28.82
C SER A 439 13.68 -18.04 -28.04
N VAL A 440 13.13 -18.54 -26.94
CA VAL A 440 13.75 -19.66 -26.23
C VAL A 440 12.73 -20.80 -26.16
N PRO A 441 13.16 -22.06 -26.08
CA PRO A 441 12.18 -23.17 -26.16
C PRO A 441 11.08 -23.11 -25.11
N VAL A 442 11.40 -22.75 -23.87
CA VAL A 442 10.37 -22.72 -22.82
C VAL A 442 9.28 -21.72 -23.18
N GLY A 443 9.67 -20.56 -23.72
CA GLY A 443 8.69 -19.55 -24.08
C GLY A 443 7.89 -19.93 -25.32
N ARG A 444 8.55 -20.56 -26.29
CA ARG A 444 7.88 -21.01 -27.50
C ARG A 444 6.85 -22.08 -27.21
N ALA A 445 6.96 -22.78 -26.08
CA ALA A 445 5.98 -23.80 -25.74
C ALA A 445 4.77 -23.24 -25.01
N LEU A 446 4.85 -22.01 -24.52
CA LEU A 446 3.76 -21.44 -23.73
C LEU A 446 2.56 -21.11 -24.60
N ALA A 447 1.38 -21.14 -23.98
CA ALA A 447 0.19 -20.56 -24.58
C ALA A 447 0.20 -19.07 -24.27
N ILE A 448 0.25 -18.24 -25.30
CA ILE A 448 0.34 -16.80 -25.17
C ILE A 448 -0.94 -16.21 -25.72
N PRO A 449 -1.64 -15.34 -24.99
CA PRO A 449 -2.90 -14.81 -25.50
C PRO A 449 -2.68 -13.90 -26.70
N ASN A 450 -3.68 -13.91 -27.58
CA ASN A 450 -3.63 -13.21 -28.83
C ASN A 450 -4.05 -11.75 -28.64
N TYR A 451 -3.30 -10.83 -29.25
CA TYR A 451 -3.55 -9.41 -29.03
C TYR A 451 -5.00 -9.05 -29.32
N GLU A 452 -5.53 -9.51 -30.46
CA GLU A 452 -6.87 -9.10 -30.87
C GLU A 452 -7.94 -9.65 -29.93
N ASN A 453 -7.69 -10.84 -29.36
CA ASN A 453 -8.61 -11.39 -28.37
C ASN A 453 -8.54 -10.62 -27.07
N LEU A 454 -7.33 -10.24 -26.65
CA LEU A 454 -7.17 -9.41 -25.44
C LEU A 454 -7.96 -8.12 -25.56
N ARG A 455 -7.77 -7.41 -26.67
CA ARG A 455 -8.44 -6.12 -26.83
C ARG A 455 -9.94 -6.29 -26.98
N ARG A 456 -10.38 -7.35 -27.65
CA ARG A 456 -11.81 -7.59 -27.80
C ARG A 456 -12.46 -7.90 -26.46
N ASN A 457 -11.80 -8.71 -25.63
CA ASN A 457 -12.32 -8.95 -24.27
C ASN A 457 -12.33 -7.68 -23.44
N TRP A 458 -11.34 -6.81 -23.62
CA TRP A 458 -11.29 -5.58 -22.86
C TRP A 458 -12.46 -4.67 -23.24
N LEU A 459 -12.69 -4.50 -24.54
CA LEU A 459 -13.81 -3.68 -24.99
C LEU A 459 -15.15 -4.18 -24.46
N GLU A 460 -15.29 -5.50 -24.30
CA GLU A 460 -16.54 -6.05 -23.79
C GLU A 460 -16.77 -5.71 -22.32
N LEU A 461 -15.72 -5.37 -21.57
CA LEU A 461 -15.92 -4.99 -20.17
C LEU A 461 -16.75 -3.72 -20.05
N PHE A 462 -16.83 -2.91 -21.09
CA PHE A 462 -17.51 -1.63 -21.04
C PHE A 462 -18.95 -1.72 -21.55
MG MG D . 2.06 8.19 -8.07
MG MG E . -16.18 -4.47 -5.32
ZN ZN F . 6.08 2.43 23.87
C1 PEG G . 16.70 -3.67 16.49
O1 PEG G . 17.82 -3.72 15.59
C2 PEG G . 15.94 -2.38 16.27
O2 PEG G . 16.87 -1.35 15.98
C3 PEG G . 16.19 -0.12 15.80
C4 PEG G . 17.16 0.90 15.21
O4 PEG G . 17.97 1.45 16.25
MG MG H . -11.12 -18.07 -10.51
MG MG I . 7.33 -21.49 5.07
MG MG J . 20.44 -18.40 9.50
C1 GOL K . 3.65 -2.14 0.09
O1 GOL K . 3.48 -0.85 -0.46
C2 GOL K . 3.65 -2.05 1.61
O2 GOL K . 2.39 -2.46 2.12
C3 GOL K . 4.78 -2.91 2.15
O3 GOL K . 4.94 -4.04 1.32
#